data_9DAQ
#
_entry.id   9DAQ
#
_cell.length_a   67.032
_cell.length_b   67.032
_cell.length_c   216.062
_cell.angle_alpha   90.00
_cell.angle_beta   90.00
_cell.angle_gamma   120.00
#
_symmetry.space_group_name_H-M   'P 61 2 2'
#
loop_
_entity.id
_entity.type
_entity.pdbx_description
1 polymer 'Dihydrofolate reductase'
2 non-polymer (6S)-1-(4-chlorophenyl)-6-ethyl-1,6-dihydro-1,3,5-triazine-2,4-diamine
3 water water
#
_entity_poly.entity_id   1
_entity_poly.type   'polypeptide(L)'
_entity_poly.pdbx_seq_one_letter_code
;SHMISLIAALAVDRVIGMENAMPWNLPADLAWFKRNTLNKPVIMGRHTWESIGRPLPGRKNIILSSQPGTDDRVTWVKSV
DEAIAACGDVPEIMVIGGGRVYEQFLPKAQKLYLTHIDAEVEGDTHFPDYEPDDWESVFSEFHDADAQNSHSYCFEILER
R
;
_entity_poly.pdbx_strand_id   A
#
loop_
_chem_comp.id
_chem_comp.type
_chem_comp.name
_chem_comp.formula
A1A3E non-polymer (6S)-1-(4-chlorophenyl)-6-ethyl-1,6-dihydro-1,3,5-triazine-2,4-diamine 'C11 H14 Cl N5'
#
# COMPACT_ATOMS: atom_id res chain seq x y z
N SER A 1 -11.57 -5.69 13.86
CA SER A 1 -12.11 -6.82 13.11
C SER A 1 -11.12 -7.36 12.07
N HIS A 2 -9.89 -6.82 12.08
CA HIS A 2 -8.80 -7.27 11.20
C HIS A 2 -9.17 -7.12 9.75
N MET A 3 -9.77 -5.97 9.44
CA MET A 3 -9.86 -5.53 8.07
C MET A 3 -8.49 -5.32 7.48
N ILE A 4 -8.25 -5.89 6.31
CA ILE A 4 -7.04 -5.66 5.53
C ILE A 4 -7.36 -4.64 4.47
N SER A 5 -6.48 -3.66 4.32
CA SER A 5 -6.59 -2.64 3.30
C SER A 5 -5.30 -2.60 2.51
N LEU A 6 -5.40 -2.06 1.30
CA LEU A 6 -4.27 -1.88 0.42
C LEU A 6 -4.17 -0.38 0.14
N ILE A 7 -2.96 0.18 0.25
CA ILE A 7 -2.70 1.58 -0.09
C ILE A 7 -1.59 1.63 -1.13
N ALA A 8 -1.85 2.32 -2.25
CA ALA A 8 -0.96 2.27 -3.40
C ALA A 8 -1.03 3.59 -4.17
N ALA A 9 0.05 3.88 -4.91
CA ALA A 9 0.07 4.98 -5.88
C ALA A 9 0.19 4.40 -7.28
N LEU A 10 -0.71 4.80 -8.18
CA LEU A 10 -0.76 4.24 -9.52
C LEU A 10 -0.56 5.34 -10.54
N ALA A 11 0.15 4.99 -11.61
CA ALA A 11 0.24 5.91 -12.75
C ALA A 11 -0.69 5.28 -13.78
N VAL A 12 -0.66 5.77 -15.01
CA VAL A 12 -1.60 5.26 -16.05
C VAL A 12 -1.22 3.81 -16.36
N ASP A 13 -2.20 2.98 -16.73
CA ASP A 13 -1.96 1.53 -17.00
C ASP A 13 -1.74 0.80 -15.68
N ARG A 14 -2.13 1.40 -14.55
CA ARG A 14 -2.05 0.75 -13.21
C ARG A 14 -0.58 0.51 -12.87
N VAL A 15 0.33 1.23 -13.53
CA VAL A 15 1.77 0.96 -13.29
C VAL A 15 2.11 1.46 -11.90
N ILE A 16 2.88 0.66 -11.15
CA ILE A 16 3.29 1.05 -9.78
C ILE A 16 4.81 1.02 -9.70
N GLY A 17 5.36 1.65 -8.67
CA GLY A 17 6.80 1.72 -8.45
C GLY A 17 7.10 2.19 -7.03
N MET A 18 8.39 2.16 -6.69
CA MET A 18 8.80 2.39 -5.31
C MET A 18 9.42 3.77 -5.11
N GLU A 19 10.53 4.03 -5.78
CA GLU A 19 10.99 5.39 -5.97
C GLU A 19 10.88 5.75 -7.45
N LEU A 26 6.24 13.54 -4.70
CA LEU A 26 4.89 14.10 -4.76
C LEU A 26 4.35 14.26 -3.33
N PRO A 27 4.61 15.43 -2.73
CA PRO A 27 4.40 15.59 -1.27
C PRO A 27 3.01 15.19 -0.79
N ALA A 28 1.97 15.74 -1.43
CA ALA A 28 0.60 15.55 -0.96
C ALA A 28 0.26 14.07 -0.83
N ASP A 29 0.77 13.24 -1.72
CA ASP A 29 0.53 11.81 -1.59
C ASP A 29 1.24 11.24 -0.38
N LEU A 30 2.36 11.85 0.04
CA LEU A 30 3.04 11.35 1.24
C LEU A 30 2.24 11.67 2.49
N ALA A 31 1.63 12.86 2.54
CA ALA A 31 0.77 13.22 3.66
C ALA A 31 -0.43 12.29 3.73
N TRP A 32 -1.04 12.00 2.58
CA TRP A 32 -2.15 11.05 2.51
C TRP A 32 -1.72 9.66 2.97
N PHE A 33 -0.63 9.16 2.41
CA PHE A 33 -0.10 7.89 2.88
C PHE A 33 0.14 7.92 4.38
N LYS A 34 0.75 9.00 4.89
CA LYS A 34 1.09 9.00 6.31
C LYS A 34 -0.18 9.06 7.17
N ARG A 35 -1.20 9.81 6.76
CA ARG A 35 -2.34 9.93 7.66
C ARG A 35 -3.15 8.63 7.67
N ASN A 36 -3.19 7.87 6.57
CA ASN A 36 -3.97 6.63 6.51
C ASN A 36 -3.24 5.39 7.01
N THR A 37 -1.95 5.49 7.37
CA THR A 37 -1.25 4.38 8.00
C THR A 37 -0.77 4.70 9.40
N LEU A 38 -1.02 5.91 9.90
CA LEU A 38 -0.53 6.30 11.22
C LEU A 38 -1.13 5.40 12.29
N ASN A 39 -0.26 4.87 13.15
CA ASN A 39 -0.70 4.00 14.23
C ASN A 39 -1.40 2.73 13.73
N LYS A 40 -1.13 2.29 12.49
CA LYS A 40 -1.62 1.02 12.03
C LYS A 40 -0.44 0.13 11.67
N PRO A 41 -0.50 -1.16 11.92
CA PRO A 41 0.61 -2.03 11.50
C PRO A 41 0.62 -2.15 9.99
N VAL A 42 1.83 -2.12 9.38
CA VAL A 42 1.96 -2.18 7.92
C VAL A 42 2.76 -3.42 7.49
N ILE A 43 2.38 -3.98 6.34
CA ILE A 43 2.96 -5.18 5.76
C ILE A 43 3.52 -4.84 4.37
N MET A 44 4.73 -5.34 4.05
CA MET A 44 5.43 -4.97 2.81
C MET A 44 6.39 -6.08 2.40
N GLY A 45 6.78 -6.08 1.10
CA GLY A 45 7.77 -7.02 0.62
C GLY A 45 9.20 -6.58 0.95
N ARG A 46 10.16 -7.50 0.74
CA ARG A 46 11.59 -7.14 0.81
C ARG A 46 11.86 -5.88 0.01
N HIS A 47 11.53 -5.93 -1.29
CA HIS A 47 11.90 -4.82 -2.15
CA HIS A 47 11.77 -4.85 -2.23
C HIS A 47 11.39 -3.51 -1.60
N THR A 48 10.17 -3.48 -1.07
CA THR A 48 9.60 -2.27 -0.49
C THR A 48 10.34 -1.89 0.80
N TRP A 49 10.65 -2.87 1.65
CA TRP A 49 11.48 -2.58 2.81
C TRP A 49 12.84 -2.01 2.38
N GLU A 50 13.43 -2.56 1.33
CA GLU A 50 14.79 -2.17 0.99
C GLU A 50 14.85 -0.73 0.51
N SER A 51 13.74 -0.22 -0.04
CA SER A 51 13.77 1.13 -0.60
C SER A 51 13.52 2.21 0.46
N ILE A 52 12.88 1.89 1.58
CA ILE A 52 12.71 2.88 2.63
C ILE A 52 13.91 2.87 3.59
N GLY A 53 14.45 1.70 3.90
CA GLY A 53 15.60 1.67 4.81
C GLY A 53 15.33 1.71 6.31
N ARG A 54 14.50 2.65 6.77
CA ARG A 54 14.04 2.93 8.13
C ARG A 54 12.71 2.22 8.39
N PRO A 55 12.47 1.69 9.59
CA PRO A 55 11.10 1.38 9.97
C PRO A 55 10.21 2.61 9.85
N LEU A 56 8.95 2.40 9.51
CA LEU A 56 7.99 3.49 9.54
C LEU A 56 7.65 3.80 10.99
N PRO A 57 7.84 5.06 11.46
CA PRO A 57 7.64 5.38 12.86
C PRO A 57 6.26 5.09 13.46
N GLY A 58 6.23 4.57 14.68
CA GLY A 58 4.96 4.36 15.39
C GLY A 58 4.04 3.42 14.66
N ARG A 59 4.61 2.45 13.95
CA ARG A 59 3.77 1.43 13.27
C ARG A 59 4.50 0.11 13.43
N LYS A 60 3.78 -0.99 13.57
CA LYS A 60 4.48 -2.29 13.58
C LYS A 60 4.79 -2.60 12.13
N ASN A 61 6.07 -2.59 11.79
CA ASN A 61 6.50 -2.92 10.44
C ASN A 61 6.66 -4.44 10.34
N ILE A 62 6.02 -5.03 9.33
CA ILE A 62 6.05 -6.48 9.11
C ILE A 62 6.47 -6.75 7.68
N ILE A 63 7.48 -7.61 7.51
CA ILE A 63 8.11 -7.80 6.20
C ILE A 63 7.81 -9.21 5.72
N LEU A 64 7.30 -9.33 4.50
CA LEU A 64 6.85 -10.63 3.99
C LEU A 64 7.89 -11.13 2.98
N SER A 65 8.61 -12.20 3.33
CA SER A 65 9.68 -12.69 2.48
C SER A 65 10.04 -14.14 2.78
N SER A 66 10.37 -14.86 1.70
CA SER A 66 10.90 -16.21 1.76
C SER A 66 12.31 -16.24 2.35
N GLN A 67 13.13 -15.19 2.10
CA GLN A 67 14.53 -15.03 2.51
C GLN A 67 14.60 -14.52 3.96
N PRO A 68 15.67 -14.87 4.67
CA PRO A 68 15.72 -14.67 6.11
C PRO A 68 15.96 -13.22 6.54
N GLY A 69 15.68 -12.97 7.82
CA GLY A 69 15.67 -11.59 8.33
C GLY A 69 17.06 -10.98 8.39
N THR A 70 17.12 -9.66 8.16
CA THR A 70 18.39 -8.92 8.28
C THR A 70 18.35 -7.72 9.22
N ASP A 71 17.26 -7.49 9.98
CA ASP A 71 17.11 -6.25 10.75
C ASP A 71 16.12 -6.48 11.89
N ASP A 72 16.54 -6.30 13.16
CA ASP A 72 15.64 -6.66 14.26
C ASP A 72 14.53 -5.63 14.53
N ARG A 73 14.64 -4.43 13.98
CA ARG A 73 13.64 -3.40 14.25
C ARG A 73 12.28 -3.73 13.67
N VAL A 74 12.17 -4.79 12.86
CA VAL A 74 10.93 -5.10 12.15
C VAL A 74 10.69 -6.61 12.22
N THR A 75 9.41 -7.00 12.14
CA THR A 75 9.03 -8.40 12.18
C THR A 75 9.06 -9.02 10.78
N TRP A 76 9.63 -10.22 10.66
CA TRP A 76 9.77 -10.94 9.39
C TRP A 76 8.87 -12.18 9.39
N VAL A 77 8.18 -12.44 8.28
CA VAL A 77 7.28 -13.59 8.15
C VAL A 77 7.43 -14.22 6.78
N LYS A 78 7.03 -15.49 6.65
CA LYS A 78 7.20 -16.18 5.37
C LYS A 78 5.85 -16.52 4.71
N SER A 79 4.74 -16.03 5.26
CA SER A 79 3.41 -16.52 4.96
C SER A 79 2.42 -15.37 5.05
N VAL A 80 1.45 -15.34 4.13
CA VAL A 80 0.39 -14.36 4.26
C VAL A 80 -0.25 -14.46 5.65
N ASP A 81 -0.47 -15.69 6.14
CA ASP A 81 -1.17 -15.83 7.42
C ASP A 81 -0.25 -15.49 8.61
N GLU A 82 1.06 -15.74 8.47
CA GLU A 82 1.98 -15.30 9.50
C GLU A 82 2.00 -13.78 9.60
N ALA A 83 1.93 -13.09 8.45
CA ALA A 83 1.89 -11.63 8.46
C ALA A 83 0.63 -11.12 9.13
N ILE A 84 -0.52 -11.71 8.83
CA ILE A 84 -1.75 -11.18 9.40
C ILE A 84 -1.78 -11.39 10.90
N ALA A 85 -1.33 -12.57 11.35
CA ALA A 85 -1.31 -12.87 12.79
C ALA A 85 -0.32 -11.98 13.52
N ALA A 86 0.74 -11.52 12.85
CA ALA A 86 1.71 -10.67 13.51
C ALA A 86 1.16 -9.29 13.80
N CYS A 87 0.12 -8.87 13.07
CA CYS A 87 -0.52 -7.59 13.33
C CYS A 87 -1.33 -7.60 14.62
N GLY A 88 -1.75 -8.78 15.10
CA GLY A 88 -2.47 -8.78 16.34
C GLY A 88 -3.88 -8.26 16.19
N ASP A 89 -4.47 -7.85 17.33
CA ASP A 89 -5.85 -7.39 17.39
C ASP A 89 -5.94 -5.90 17.11
N VAL A 90 -6.01 -5.55 15.83
CA VAL A 90 -6.09 -4.17 15.40
C VAL A 90 -7.29 -4.04 14.47
N PRO A 91 -7.91 -2.86 14.35
CA PRO A 91 -9.09 -2.74 13.47
C PRO A 91 -8.73 -2.84 12.01
N GLU A 92 -7.57 -2.31 11.62
CA GLU A 92 -7.22 -2.25 10.21
C GLU A 92 -5.73 -2.48 10.02
N ILE A 93 -5.43 -3.34 9.05
CA ILE A 93 -4.07 -3.71 8.66
C ILE A 93 -3.79 -3.05 7.33
N MET A 94 -2.63 -2.40 7.19
CA MET A 94 -2.33 -1.65 5.97
C MET A 94 -1.28 -2.41 5.17
N VAL A 95 -1.66 -2.88 3.98
CA VAL A 95 -0.71 -3.51 3.07
C VAL A 95 -0.18 -2.43 2.13
N ILE A 96 1.12 -2.16 2.18
CA ILE A 96 1.66 -0.94 1.59
C ILE A 96 2.53 -1.20 0.38
N GLY A 97 2.84 -2.44 0.05
CA GLY A 97 3.73 -2.52 -1.09
C GLY A 97 4.40 -3.81 -1.43
N GLY A 98 4.84 -3.84 -2.68
CA GLY A 98 5.06 -5.03 -3.44
C GLY A 98 3.90 -5.22 -4.37
N GLY A 99 4.17 -5.21 -5.68
CA GLY A 99 3.18 -5.72 -6.59
C GLY A 99 2.78 -7.14 -6.21
N ARG A 100 3.78 -7.99 -5.93
CA ARG A 100 3.48 -9.36 -5.54
C ARG A 100 2.70 -9.37 -4.22
N VAL A 101 3.04 -8.51 -3.27
CA VAL A 101 2.34 -8.48 -1.96
C VAL A 101 0.90 -8.02 -2.14
N TYR A 102 0.65 -7.07 -3.05
CA TYR A 102 -0.72 -6.58 -3.32
C TYR A 102 -1.57 -7.70 -3.92
N GLU A 103 -1.00 -8.50 -4.80
CA GLU A 103 -1.71 -9.65 -5.40
C GLU A 103 -2.07 -10.68 -4.34
N GLN A 104 -1.16 -10.93 -3.40
CA GLN A 104 -1.38 -11.95 -2.35
C GLN A 104 -2.45 -11.46 -1.36
N PHE A 105 -2.61 -10.14 -1.21
CA PHE A 105 -3.55 -9.68 -0.19
C PHE A 105 -4.85 -9.09 -0.73
N LEU A 106 -4.98 -8.83 -2.04
CA LEU A 106 -6.24 -8.33 -2.56
C LEU A 106 -7.41 -9.25 -2.23
N PRO A 107 -7.31 -10.58 -2.42
CA PRO A 107 -8.44 -11.44 -2.06
C PRO A 107 -8.81 -11.38 -0.59
N LYS A 108 -7.98 -10.82 0.28
CA LYS A 108 -8.32 -10.78 1.70
C LYS A 108 -8.61 -9.36 2.18
N ALA A 109 -8.80 -8.42 1.25
CA ALA A 109 -8.90 -7.01 1.56
C ALA A 109 -10.31 -6.48 1.33
N GLN A 110 -10.74 -5.57 2.20
CA GLN A 110 -12.05 -4.95 2.05
C GLN A 110 -11.98 -3.49 1.66
N LYS A 111 -10.82 -2.85 1.81
CA LYS A 111 -10.68 -1.42 1.55
C LYS A 111 -9.46 -1.16 0.69
N LEU A 112 -9.57 -0.18 -0.20
CA LEU A 112 -8.50 0.20 -1.12
C LEU A 112 -8.27 1.71 -1.01
N TYR A 113 -7.02 2.12 -0.82
CA TYR A 113 -6.65 3.53 -0.80
C TYR A 113 -5.73 3.80 -1.98
N LEU A 114 -6.25 4.44 -3.02
CA LEU A 114 -5.53 4.64 -4.27
C LEU A 114 -5.21 6.12 -4.49
N THR A 115 -4.02 6.39 -5.01
CA THR A 115 -3.69 7.71 -5.54
C THR A 115 -3.49 7.59 -7.03
N HIS A 116 -4.37 8.24 -7.80
CA HIS A 116 -4.30 8.25 -9.26
C HIS A 116 -3.48 9.45 -9.68
N ILE A 117 -2.30 9.20 -10.24
CA ILE A 117 -1.38 10.26 -10.64
C ILE A 117 -1.41 10.37 -12.15
N ASP A 118 -1.53 11.62 -12.65
CA ASP A 118 -1.62 11.88 -14.07
C ASP A 118 -0.20 11.97 -14.64
N ALA A 119 0.42 10.80 -14.79
CA ALA A 119 1.80 10.67 -15.24
C ALA A 119 2.01 9.35 -15.97
N GLU A 120 2.80 9.43 -17.02
CA GLU A 120 3.29 8.29 -17.77
C GLU A 120 4.45 7.67 -16.99
N VAL A 121 4.41 6.35 -16.77
CA VAL A 121 5.54 5.69 -16.14
C VAL A 121 5.82 4.37 -16.84
N GLU A 122 7.09 4.18 -17.20
CA GLU A 122 7.59 3.02 -17.90
C GLU A 122 7.98 1.99 -16.83
N GLY A 123 7.24 0.89 -16.75
CA GLY A 123 7.62 -0.24 -15.89
C GLY A 123 6.66 -1.42 -16.11
N ASP A 124 7.01 -2.68 -15.78
CA ASP A 124 5.95 -3.71 -15.74
C ASP A 124 5.59 -4.12 -14.33
N THR A 125 5.54 -3.23 -13.37
CA THR A 125 4.98 -3.60 -12.08
C THR A 125 3.60 -2.94 -12.02
N HIS A 126 2.56 -3.76 -12.08
CA HIS A 126 1.19 -3.29 -12.19
C HIS A 126 0.41 -3.65 -10.95
N PHE A 127 -0.53 -2.78 -10.61
CA PHE A 127 -1.46 -3.07 -9.54
C PHE A 127 -2.46 -4.12 -10.01
N PRO A 128 -2.94 -4.97 -9.12
CA PRO A 128 -3.87 -6.03 -9.52
C PRO A 128 -5.19 -5.46 -10.02
N ASP A 129 -5.64 -6.07 -11.11
CA ASP A 129 -7.03 -5.96 -11.53
C ASP A 129 -8.03 -6.28 -10.45
N TYR A 130 -8.91 -5.29 -10.20
CA TYR A 130 -10.04 -5.29 -9.29
C TYR A 130 -11.19 -4.93 -10.20
N GLU A 131 -11.84 -5.94 -10.64
CA GLU A 131 -13.09 -5.87 -11.36
C GLU A 131 -14.14 -4.99 -10.66
N PRO A 132 -14.75 -4.06 -11.37
CA PRO A 132 -15.62 -3.10 -10.70
C PRO A 132 -16.84 -3.77 -10.11
N ASP A 133 -17.11 -5.04 -10.47
CA ASP A 133 -18.35 -5.71 -10.09
C ASP A 133 -18.50 -5.81 -8.58
N ASP A 134 -17.39 -6.04 -7.89
CA ASP A 134 -17.45 -6.26 -6.46
C ASP A 134 -16.57 -5.27 -5.71
N TRP A 135 -16.39 -4.08 -6.27
CA TRP A 135 -15.78 -2.95 -5.57
C TRP A 135 -16.62 -1.71 -5.82
N GLU A 136 -17.00 -1.04 -4.73
CA GLU A 136 -17.74 0.20 -4.79
C GLU A 136 -16.81 1.35 -4.43
N SER A 137 -16.90 2.44 -5.19
CA SER A 137 -16.12 3.62 -4.89
C SER A 137 -16.90 4.54 -3.97
N VAL A 138 -16.31 4.90 -2.83
CA VAL A 138 -17.00 5.72 -1.85
C VAL A 138 -16.39 7.12 -1.70
N PHE A 139 -15.14 7.34 -2.09
CA PHE A 139 -14.49 8.63 -1.88
C PHE A 139 -13.58 8.98 -3.05
N SER A 140 -13.42 10.28 -3.29
CA SER A 140 -12.85 10.72 -4.55
C SER A 140 -12.41 12.18 -4.41
N GLU A 141 -11.15 12.49 -4.67
CA GLU A 141 -10.65 13.86 -4.45
C GLU A 141 -9.55 14.22 -5.44
N PHE A 142 -9.88 15.07 -6.42
CA PHE A 142 -8.93 15.49 -7.44
C PHE A 142 -8.14 16.71 -6.94
N HIS A 143 -6.90 16.83 -7.41
CA HIS A 143 -6.01 17.95 -7.08
C HIS A 143 -5.23 18.37 -8.31
N ASP A 144 -5.20 19.68 -8.59
CA ASP A 144 -4.31 20.12 -9.64
C ASP A 144 -2.84 20.01 -9.20
N ALA A 145 -1.94 20.07 -10.17
CA ALA A 145 -0.55 20.25 -9.84
C ALA A 145 -0.31 21.67 -9.33
N ASP A 146 0.56 21.79 -8.31
CA ASP A 146 0.92 23.08 -7.75
C ASP A 146 2.45 23.15 -7.70
N ALA A 147 2.97 24.10 -6.93
CA ALA A 147 4.41 24.29 -6.85
C ALA A 147 5.11 23.08 -6.26
N GLN A 148 4.52 22.45 -5.25
CA GLN A 148 5.16 21.32 -4.57
C GLN A 148 4.91 19.99 -5.28
N ASN A 149 3.82 19.89 -6.04
CA ASN A 149 3.37 18.63 -6.64
C ASN A 149 3.33 18.78 -8.15
N SER A 150 4.15 17.98 -8.84
CA SER A 150 4.43 18.22 -10.25
C SER A 150 3.38 17.66 -11.20
N HIS A 151 2.41 16.89 -10.71
CA HIS A 151 1.39 16.31 -11.57
C HIS A 151 0.06 16.38 -10.84
N SER A 152 -1.03 16.51 -11.59
CA SER A 152 -2.34 16.41 -10.95
C SER A 152 -2.54 14.97 -10.49
N TYR A 153 -3.40 14.81 -9.49
CA TYR A 153 -3.57 13.50 -8.86
C TYR A 153 -4.93 13.46 -8.19
N CYS A 154 -5.41 12.25 -7.92
CA CYS A 154 -6.75 12.07 -7.38
C CYS A 154 -6.77 10.92 -6.39
N PHE A 155 -7.12 11.21 -5.14
CA PHE A 155 -7.26 10.16 -4.14
C PHE A 155 -8.60 9.46 -4.30
N GLU A 156 -8.60 8.15 -4.12
CA GLU A 156 -9.83 7.38 -4.18
C GLU A 156 -9.81 6.29 -3.11
N ILE A 157 -10.98 6.05 -2.50
CA ILE A 157 -11.15 4.95 -1.55
C ILE A 157 -12.29 4.07 -2.05
N LEU A 158 -12.03 2.77 -2.13
CA LEU A 158 -13.05 1.83 -2.55
C LEU A 158 -13.32 0.86 -1.42
N GLU A 159 -14.54 0.40 -1.34
CA GLU A 159 -14.96 -0.61 -0.37
C GLU A 159 -15.39 -1.83 -1.16
N ARG A 160 -15.10 -3.03 -0.65
CA ARG A 160 -15.57 -4.23 -1.30
C ARG A 160 -17.08 -4.35 -1.17
N ARG A 161 -17.78 -4.47 -2.29
CA ARG A 161 -19.21 -4.70 -2.25
C ARG A 161 -19.47 -6.04 -1.61
C1 A1A3E B . 2.01 3.78 -1.47
C2 A1A3E B . 0.88 5.76 -1.54
C3 A1A3E B . 3.32 5.90 -1.70
C4 A1A3E B . 4.07 6.15 -3.03
C5 A1A3E B . 4.53 7.54 -3.46
C6 A1A3E B . 4.42 3.71 -1.30
C7 A1A3E B . 5.01 3.13 -2.40
C8 A1A3E B . 6.20 2.42 -2.29
C9 A1A3E B . 6.77 2.30 -1.04
N1 A1A3E B . 2.06 2.46 -1.57
N2 A1A3E B . 0.84 4.41 -1.37
CL1 A1A3E B . 8.27 1.42 -0.92
C10 A1A3E B . 6.19 2.85 0.09
C11 A1A3E B . 5.00 3.56 -0.05
N3 A1A3E B . -0.30 6.39 -1.50
N4 A1A3E B . 1.98 6.50 -1.70
N5 A1A3E B . 3.20 4.45 -1.46
#